data_6PXR
#
_entry.id   6PXR
#
_cell.length_a   42.745
_cell.length_b   48.952
_cell.length_c   58.653
_cell.angle_alpha   85.250
_cell.angle_beta   83.120
_cell.angle_gamma   70.720
#
_symmetry.space_group_name_H-M   'P 1'
#
loop_
_entity.id
_entity.type
_entity.pdbx_description
1 polymer 'gosuranemab Fab, light chain'
2 polymer 'gosuranemab Fab, heavy chain'
3 polymer 'Microtubule-associated protein tau'
4 water water
#
loop_
_entity_poly.entity_id
_entity_poly.type
_entity_poly.pdbx_seq_one_letter_code
_entity_poly.pdbx_strand_id
1 'polypeptide(L)'
;DVLMTQTPLSLPVSLGDQASISCKSSQSIVHSNGNTYLEWYLQKPGQSPKLLVYKVSNRFSGVPDRFSGSGSGTDFTLKI
SRVEAEDLGTYYCFQGSLVPWAFGGGTKLEIKRADAAPTVSIFPPSSEQLTSGGASVVCFLNNFYPKDINVKWKIDGSER
QNGVLNSWTDQDSKDSTYSMSSTLTLTKDEYERHNSYTCEATHKTSTSPIVKSFNRNEC
;
L
2 'polypeptide(L)'
;EVHLVESGGALVKPGGSLKLSCAASGFSFSKYGMSWVRQTPDKRLEWVATISSSGSRTYYPDSVKGQFTISRDNAKNTLY
LQMSSLKSEDTAMYYCSISWDGAMDYWGQGTSVTVSSAKTTPPSVYPLAPGSAAQTNSMVTLGCLVKGYFPEPVTVTWNS
GSLSSGVHTFPAVLQSDLYTLSSSVTVPSSTWPSETVTCNVAHPASSTKVDKKIVPRDCGCKPC
;
H
3 'polypeptide(L)' AGTYGLGD A
#
# COMPACT_ATOMS: atom_id res chain seq x y z
N ASP A 1 11.70 -14.46 -17.62
CA ASP A 1 10.61 -13.52 -17.43
C ASP A 1 11.07 -12.09 -17.71
N VAL A 2 10.44 -11.43 -18.67
CA VAL A 2 10.72 -10.04 -18.97
C VAL A 2 10.33 -9.17 -17.78
N LEU A 3 11.16 -8.17 -17.49
CA LEU A 3 10.94 -7.26 -16.36
C LEU A 3 10.54 -5.88 -16.85
N MET A 4 9.50 -5.32 -16.23
CA MET A 4 9.05 -3.98 -16.57
C MET A 4 9.41 -3.00 -15.45
N THR A 5 10.21 -2.00 -15.79
CA THR A 5 10.68 -1.00 -14.83
C THR A 5 10.10 0.37 -15.15
N GLN A 6 9.53 1.04 -14.15
CA GLN A 6 8.97 2.37 -14.37
C GLN A 6 9.78 3.47 -13.71
N THR A 7 9.90 4.61 -14.42
CA THR A 7 10.57 5.78 -13.88
C THR A 7 9.78 7.04 -14.20
N PRO A 8 9.70 7.97 -13.24
CA PRO A 8 10.25 7.84 -11.88
C PRO A 8 9.33 7.06 -10.95
N LEU A 9 9.78 6.81 -9.73
CA LEU A 9 8.97 6.15 -8.71
C LEU A 9 7.73 7.00 -8.41
N SER A 10 7.95 8.30 -8.26
CA SER A 10 6.90 9.24 -7.95
C SER A 10 7.12 10.51 -8.74
N LEU A 11 6.05 11.06 -9.28
CA LEU A 11 6.14 12.28 -10.08
C LEU A 11 5.27 13.39 -9.49
N PRO A 12 5.88 14.33 -8.77
CA PRO A 12 5.16 15.48 -8.21
C PRO A 12 4.83 16.53 -9.26
N VAL A 13 3.55 16.82 -9.44
CA VAL A 13 3.12 17.82 -10.41
C VAL A 13 2.15 18.81 -9.80
N SER A 14 2.06 19.99 -10.41
CA SER A 14 0.96 20.90 -10.10
C SER A 14 -0.13 20.67 -11.13
N LEU A 15 -1.38 20.81 -10.70
CA LEU A 15 -2.50 20.72 -11.63
C LEU A 15 -2.30 21.74 -12.75
N GLY A 16 -2.40 21.33 -14.00
CA GLY A 16 -2.10 22.31 -15.04
C GLY A 16 -0.86 21.92 -15.78
N ASP A 17 0.05 21.21 -15.12
CA ASP A 17 1.37 20.92 -15.67
C ASP A 17 1.30 19.76 -16.68
N GLN A 18 2.36 19.64 -17.48
CA GLN A 18 2.54 18.47 -18.33
C GLN A 18 3.24 17.37 -17.52
N ALA A 19 2.92 16.12 -17.81
CA ALA A 19 3.55 14.99 -17.11
C ALA A 19 4.04 13.95 -18.10
N SER A 20 5.17 13.33 -17.78
CA SER A 20 5.72 12.27 -18.60
C SER A 20 6.19 11.12 -17.71
N ILE A 21 5.72 9.92 -18.04
CA ILE A 21 6.08 8.70 -17.30
C ILE A 21 6.77 7.72 -18.24
N SER A 22 7.84 7.09 -17.77
CA SER A 22 8.60 6.16 -18.59
C SER A 22 8.42 4.71 -18.17
N CYS A 23 8.43 3.82 -19.16
CA CYS A 23 8.32 2.38 -18.92
C CYS A 23 9.31 1.66 -19.81
N LYS A 24 10.15 0.83 -19.21
CA LYS A 24 11.14 0.08 -19.98
C LYS A 24 11.04 -1.42 -19.74
N SER A 25 11.26 -2.20 -20.79
CA SER A 25 11.29 -3.64 -20.67
C SER A 25 12.71 -4.17 -20.77
N SER A 26 12.96 -5.32 -20.15
CA SER A 26 14.29 -5.89 -20.11
C SER A 26 14.64 -6.55 -21.45
N GLN A 27 13.62 -6.71 -22.27
CA GLN A 27 13.79 -7.28 -23.62
C GLN A 27 12.69 -6.75 -24.53
N SER A 28 12.89 -6.87 -25.82
CA SER A 28 11.93 -6.31 -26.78
C SER A 28 10.53 -6.89 -26.59
N ILE A 29 9.54 -6.01 -26.56
CA ILE A 29 8.10 -6.36 -26.42
C ILE A 29 7.48 -6.47 -27.81
N VAL A 30 8.25 -6.34 -28.86
CA VAL A 30 7.70 -6.46 -30.21
C VAL A 30 7.38 -7.92 -30.51
N HIS A 31 6.10 -8.22 -30.68
CA HIS A 31 5.64 -9.57 -30.92
C HIS A 31 5.93 -10.03 -32.35
N SER A 32 5.95 -11.33 -32.56
CA SER A 32 6.26 -11.89 -33.88
C SER A 32 5.19 -11.57 -34.93
N ASN A 33 4.00 -11.14 -34.49
CA ASN A 33 2.95 -10.79 -35.43
C ASN A 33 2.94 -9.30 -35.82
N GLY A 34 3.95 -8.57 -35.34
CA GLY A 34 4.11 -7.18 -35.71
C GLY A 34 3.55 -6.18 -34.71
N ASN A 35 2.82 -6.69 -33.72
CA ASN A 35 2.26 -5.84 -32.67
C ASN A 35 3.20 -5.68 -31.49
N THR A 36 2.99 -4.61 -30.73
CA THR A 36 3.66 -4.41 -29.46
C THR A 36 2.57 -4.25 -28.39
N TYR A 37 2.40 -5.26 -27.56
CA TYR A 37 1.30 -5.27 -26.60
C TYR A 37 1.68 -4.55 -25.31
N LEU A 38 1.91 -3.25 -25.43
CA LEU A 38 2.23 -2.41 -24.28
C LEU A 38 1.00 -1.62 -23.86
N GLU A 39 0.64 -1.71 -22.58
CA GLU A 39 -0.59 -1.11 -22.09
C GLU A 39 -0.35 -0.28 -20.83
N TRP A 40 -1.20 0.73 -20.62
CA TRP A 40 -1.13 1.59 -19.43
C TRP A 40 -2.43 1.53 -18.64
N TYR A 41 -2.29 1.39 -17.33
CA TYR A 41 -3.42 1.34 -16.42
C TYR A 41 -3.31 2.44 -15.37
N LEU A 42 -4.42 3.03 -14.97
CA LEU A 42 -4.44 4.01 -13.88
C LEU A 42 -5.25 3.47 -12.69
N GLN A 43 -4.68 3.56 -11.56
CA GLN A 43 -5.42 3.23 -10.34
C GLN A 43 -5.53 4.46 -9.44
N LYS A 44 -6.75 4.97 -9.31
CA LYS A 44 -6.98 6.11 -8.46
C LYS A 44 -7.09 5.63 -7.02
N PRO A 45 -6.74 6.50 -6.05
CA PRO A 45 -6.75 6.06 -4.65
C PRO A 45 -8.07 5.43 -4.24
N GLY A 46 -8.01 4.24 -3.66
CA GLY A 46 -9.19 3.55 -3.17
C GLY A 46 -10.04 2.94 -4.28
N GLN A 47 -9.54 2.96 -5.50
CA GLN A 47 -10.31 2.43 -6.63
C GLN A 47 -9.56 1.32 -7.34
N SER A 48 -10.27 0.63 -8.23
N SER A 48 -10.27 0.61 -8.22
CA SER A 48 -9.67 -0.43 -9.05
CA SER A 48 -9.64 -0.44 -9.01
C SER A 48 -8.91 0.19 -10.20
C SER A 48 -8.94 0.16 -10.22
N PRO A 49 -7.90 -0.52 -10.73
CA PRO A 49 -7.22 -0.05 -11.93
C PRO A 49 -8.19 0.07 -13.10
N LYS A 50 -7.91 0.99 -14.02
CA LYS A 50 -8.68 1.16 -15.25
C LYS A 50 -7.72 1.20 -16.42
N LEU A 51 -8.15 0.65 -17.57
CA LEU A 51 -7.35 0.70 -18.79
C LEU A 51 -7.35 2.11 -19.37
N LEU A 52 -6.17 2.58 -19.75
CA LEU A 52 -6.05 3.92 -20.35
C LEU A 52 -5.62 3.77 -21.81
N VAL A 53 -4.54 3.04 -22.05
CA VAL A 53 -3.94 2.89 -23.37
C VAL A 53 -3.59 1.42 -23.63
N TYR A 54 -3.85 0.95 -24.85
CA TYR A 54 -3.48 -0.40 -25.26
C TYR A 54 -2.71 -0.32 -26.60
N LYS A 55 -1.99 -1.39 -26.95
CA LYS A 55 -1.11 -1.40 -28.12
C LYS A 55 -0.27 -0.13 -28.29
N VAL A 56 0.43 0.25 -27.22
CA VAL A 56 1.35 1.39 -27.18
C VAL A 56 0.67 2.77 -27.21
N SER A 57 -0.23 2.99 -28.17
CA SER A 57 -0.69 4.35 -28.46
C SER A 57 -2.19 4.50 -28.70
N ASN A 58 -2.93 3.41 -28.55
CA ASN A 58 -4.37 3.44 -28.73
C ASN A 58 -5.09 3.79 -27.42
N ARG A 59 -5.77 4.93 -27.36
CA ARG A 59 -6.50 5.25 -26.13
C ARG A 59 -7.74 4.38 -26.03
N PHE A 60 -8.01 3.90 -24.81
CA PHE A 60 -9.19 3.08 -24.53
C PHE A 60 -10.43 3.97 -24.52
N SER A 61 -11.60 3.34 -24.63
CA SER A 61 -12.88 4.05 -24.66
C SER A 61 -13.05 5.01 -23.48
N GLY A 62 -13.34 6.27 -23.79
CA GLY A 62 -13.63 7.26 -22.77
C GLY A 62 -12.42 8.07 -22.31
N VAL A 63 -11.23 7.58 -22.59
CA VAL A 63 -10.01 8.25 -22.13
C VAL A 63 -9.76 9.53 -22.91
N PRO A 64 -9.62 10.66 -22.20
CA PRO A 64 -9.47 11.96 -22.89
C PRO A 64 -8.13 12.09 -23.60
N ASP A 65 -8.12 12.89 -24.67
CA ASP A 65 -6.96 12.95 -25.56
C ASP A 65 -5.80 13.72 -24.97
N ARG A 66 -5.91 14.14 -23.72
CA ARG A 66 -4.76 14.73 -23.05
C ARG A 66 -3.78 13.62 -22.66
N PHE A 67 -4.25 12.38 -22.70
CA PHE A 67 -3.37 11.22 -22.53
C PHE A 67 -2.82 10.78 -23.87
N SER A 68 -1.53 10.46 -23.90
CA SER A 68 -0.95 9.91 -25.13
C SER A 68 0.16 8.92 -24.81
N GLY A 69 0.18 7.82 -25.55
CA GLY A 69 1.17 6.78 -25.36
C GLY A 69 2.08 6.66 -26.58
N SER A 70 3.36 6.43 -26.34
CA SER A 70 4.33 6.31 -27.43
C SER A 70 5.51 5.43 -27.05
N GLY A 71 6.39 5.24 -28.01
CA GLY A 71 7.59 4.47 -27.75
C GLY A 71 7.71 3.23 -28.62
N SER A 72 8.81 2.49 -28.50
CA SER A 72 8.96 1.27 -29.31
C SER A 72 9.98 0.34 -28.71
N GLY A 73 9.97 -0.91 -29.15
CA GLY A 73 11.02 -1.82 -28.69
C GLY A 73 10.95 -2.04 -27.21
N THR A 74 11.83 -1.35 -26.47
CA THR A 74 11.88 -1.53 -25.02
C THR A 74 11.50 -0.26 -24.26
N ASP A 75 11.44 0.89 -24.95
CA ASP A 75 11.28 2.19 -24.30
C ASP A 75 9.92 2.79 -24.58
N PHE A 76 9.15 3.06 -23.53
CA PHE A 76 7.79 3.56 -23.71
C PHE A 76 7.50 4.74 -22.77
N THR A 77 6.54 5.56 -23.19
CA THR A 77 6.23 6.79 -22.47
C THR A 77 4.73 7.06 -22.44
N LEU A 78 4.22 7.46 -21.29
CA LEU A 78 2.86 7.98 -21.21
C LEU A 78 2.95 9.46 -20.87
N LYS A 79 2.28 10.28 -21.67
CA LYS A 79 2.29 11.73 -21.47
C LYS A 79 0.88 12.24 -21.14
N ILE A 80 0.82 13.27 -20.31
CA ILE A 80 -0.42 13.96 -19.99
C ILE A 80 -0.21 15.44 -20.28
N SER A 81 -0.98 15.98 -21.22
CA SER A 81 -0.77 17.36 -21.68
C SER A 81 -1.00 18.38 -20.59
N ARG A 82 -2.07 18.22 -19.82
CA ARG A 82 -2.41 19.16 -18.73
C ARG A 82 -3.02 18.32 -17.61
N VAL A 83 -2.35 18.15 -16.50
CA VAL A 83 -2.82 17.25 -15.45
C VAL A 83 -4.00 17.82 -14.67
N GLU A 84 -5.05 17.01 -14.56
CA GLU A 84 -6.23 17.37 -13.79
C GLU A 84 -6.30 16.54 -12.52
N ALA A 85 -7.12 17.00 -11.56
CA ALA A 85 -7.26 16.30 -10.28
C ALA A 85 -7.60 14.82 -10.46
N GLU A 86 -8.47 14.53 -11.43
CA GLU A 86 -8.88 13.15 -11.69
C GLU A 86 -7.74 12.26 -12.19
N ASP A 87 -6.61 12.87 -12.55
CA ASP A 87 -5.48 12.12 -13.10
C ASP A 87 -4.55 11.61 -12.03
N LEU A 88 -4.75 12.09 -10.80
CA LEU A 88 -3.89 11.69 -9.68
C LEU A 88 -4.16 10.24 -9.29
N GLY A 89 -3.08 9.50 -9.07
CA GLY A 89 -3.16 8.08 -8.77
C GLY A 89 -1.88 7.38 -9.18
N THR A 90 -1.94 6.05 -9.29
CA THR A 90 -0.77 5.27 -9.68
C THR A 90 -0.94 4.73 -11.09
N TYR A 91 0.07 4.98 -11.93
CA TYR A 91 0.05 4.49 -13.29
C TYR A 91 0.93 3.25 -13.39
N TYR A 92 0.35 2.18 -13.90
CA TYR A 92 1.09 0.95 -14.16
C TYR A 92 1.21 0.67 -15.64
N CYS A 93 2.41 0.36 -16.13
CA CYS A 93 2.51 -0.18 -17.47
C CYS A 93 2.38 -1.70 -17.40
N PHE A 94 2.09 -2.31 -18.55
CA PHE A 94 1.85 -3.73 -18.65
C PHE A 94 2.32 -4.23 -20.00
N GLN A 95 2.95 -5.40 -20.02
CA GLN A 95 3.32 -6.03 -21.29
C GLN A 95 2.54 -7.34 -21.49
N GLY A 96 1.99 -7.51 -22.69
CA GLY A 96 1.22 -8.71 -23.04
C GLY A 96 1.86 -9.54 -24.15
N SER A 97 3.00 -9.12 -24.66
CA SER A 97 3.64 -9.78 -25.79
C SER A 97 4.31 -11.09 -25.43
N LEU A 98 4.95 -11.11 -24.27
CA LEU A 98 5.77 -12.24 -23.85
C LEU A 98 5.19 -12.96 -22.64
N VAL A 99 5.39 -14.27 -22.58
CA VAL A 99 4.99 -15.06 -21.42
C VAL A 99 6.08 -14.98 -20.34
N PRO A 100 5.68 -14.68 -19.10
CA PRO A 100 4.30 -14.40 -18.69
C PRO A 100 3.96 -12.92 -18.71
N TRP A 101 2.63 -12.66 -18.76
CA TRP A 101 2.11 -11.29 -18.65
C TRP A 101 2.68 -10.63 -17.41
N ALA A 102 3.19 -9.36 -17.58
CA ALA A 102 3.88 -8.69 -16.48
C ALA A 102 3.49 -7.21 -16.35
N PHE A 103 3.32 -6.77 -15.10
CA PHE A 103 3.09 -5.35 -14.79
C PHE A 103 4.39 -4.65 -14.36
N GLY A 104 4.51 -3.37 -14.69
CA GLY A 104 5.55 -2.55 -14.10
C GLY A 104 5.16 -2.26 -12.66
N GLY A 105 6.09 -1.71 -11.89
CA GLY A 105 5.87 -1.52 -10.45
C GLY A 105 5.06 -0.29 -10.09
N GLY A 106 4.81 0.55 -11.09
CA GLY A 106 3.96 1.71 -10.90
C GLY A 106 4.67 3.02 -10.69
N THR A 107 4.01 4.10 -11.13
CA THR A 107 4.45 5.46 -10.92
C THR A 107 3.32 6.27 -10.32
N LYS A 108 3.57 6.86 -9.15
CA LYS A 108 2.57 7.68 -8.49
C LYS A 108 2.60 9.11 -8.98
N LEU A 109 1.49 9.56 -9.53
CA LEU A 109 1.33 10.96 -9.89
C LEU A 109 0.76 11.68 -8.68
N GLU A 110 1.55 12.59 -8.12
CA GLU A 110 1.19 13.21 -6.85
C GLU A 110 1.33 14.71 -6.92
N ILE A 111 0.95 15.39 -5.83
CA ILE A 111 0.92 16.85 -5.80
C ILE A 111 2.24 17.46 -5.33
N LYS A 112 2.73 18.42 -6.11
CA LYS A 112 3.92 19.20 -5.78
C LYS A 112 3.61 20.29 -4.76
N ARG A 113 4.51 20.48 -3.80
CA ARG A 113 4.41 21.56 -2.82
C ARG A 113 5.81 21.99 -2.36
N ALA A 114 5.88 22.98 -1.49
CA ALA A 114 7.17 23.48 -1.00
C ALA A 114 7.87 22.45 -0.11
N ASP A 115 9.19 22.46 -0.15
CA ASP A 115 9.98 21.57 0.68
C ASP A 115 9.71 21.87 2.15
N ALA A 116 9.66 20.81 2.96
CA ALA A 116 9.51 20.96 4.41
C ALA A 116 10.35 19.91 5.12
N ALA A 117 11.19 20.37 6.05
CA ALA A 117 11.93 19.47 6.91
C ALA A 117 10.98 18.68 7.78
N PRO A 118 11.33 17.42 8.07
CA PRO A 118 10.49 16.64 8.99
C PRO A 118 10.58 17.15 10.42
N THR A 119 9.46 17.09 11.13
CA THR A 119 9.49 17.30 12.58
C THR A 119 9.72 15.94 13.21
N VAL A 120 10.84 15.79 13.90
CA VAL A 120 11.22 14.48 14.44
C VAL A 120 10.95 14.41 15.93
N SER A 121 10.25 13.36 16.36
CA SER A 121 10.01 13.12 17.79
C SER A 121 10.44 11.72 18.18
N ILE A 122 11.08 11.58 19.34
CA ILE A 122 11.40 10.24 19.85
C ILE A 122 10.62 10.00 21.15
N PHE A 123 10.16 8.76 21.33
CA PHE A 123 9.33 8.38 22.48
C PHE A 123 9.88 7.14 23.16
N PRO A 124 10.34 7.28 24.41
CA PRO A 124 10.80 6.09 25.16
C PRO A 124 9.65 5.13 25.44
N PRO A 125 9.96 3.84 25.58
CA PRO A 125 8.94 2.86 25.96
C PRO A 125 8.19 3.26 27.22
N SER A 126 6.88 3.10 27.18
CA SER A 126 6.03 3.39 28.34
C SER A 126 6.37 2.44 29.47
N SER A 127 6.15 2.87 30.70
CA SER A 127 6.37 2.01 31.85
C SER A 127 5.39 0.84 31.83
N GLU A 128 4.22 1.07 31.26
CA GLU A 128 3.20 0.03 31.19
C GLU A 128 3.62 -1.10 30.27
N GLN A 129 4.27 -0.77 29.16
CA GLN A 129 4.75 -1.79 28.26
C GLN A 129 5.83 -2.63 28.91
N LEU A 130 6.73 -1.98 29.64
CA LEU A 130 7.83 -2.67 30.31
C LEU A 130 7.35 -3.70 31.33
N THR A 131 6.15 -3.48 31.86
CA THR A 131 5.53 -4.42 32.79
C THR A 131 5.18 -5.71 32.07
N SER A 132 4.94 -5.61 30.77
CA SER A 132 4.59 -6.78 29.96
C SER A 132 5.83 -7.47 29.39
N GLY A 133 7.00 -6.91 29.66
CA GLY A 133 8.26 -7.53 29.26
C GLY A 133 8.75 -7.09 27.88
N GLY A 134 8.12 -6.05 27.34
CA GLY A 134 8.48 -5.55 26.03
C GLY A 134 8.91 -4.11 26.08
N ALA A 135 9.58 -3.65 25.01
CA ALA A 135 10.04 -2.27 24.95
C ALA A 135 10.08 -1.81 23.51
N SER A 136 9.10 -0.99 23.11
CA SER A 136 9.12 -0.38 21.79
C SER A 136 9.49 1.08 21.87
N VAL A 137 10.57 1.43 21.17
CA VAL A 137 11.00 2.80 21.03
C VAL A 137 10.44 3.34 19.72
N VAL A 138 9.77 4.49 19.80
CA VAL A 138 9.06 5.03 18.63
C VAL A 138 9.64 6.37 18.17
N CYS A 139 9.74 6.53 16.85
CA CYS A 139 10.18 7.79 16.29
C CYS A 139 9.19 8.24 15.22
N PHE A 140 8.71 9.47 15.30
CA PHE A 140 7.88 10.05 14.24
C PHE A 140 8.72 10.98 13.40
N LEU A 141 8.55 10.90 12.09
CA LEU A 141 9.14 11.86 11.15
C LEU A 141 7.97 12.49 10.42
N ASN A 142 7.52 13.65 10.89
CA ASN A 142 6.22 14.17 10.50
C ASN A 142 6.23 15.37 9.55
N ASN A 143 5.29 15.33 8.62
CA ASN A 143 4.94 16.45 7.73
C ASN A 143 6.11 17.01 6.92
N PHE A 144 6.84 16.11 6.25
CA PHE A 144 7.98 16.51 5.42
C PHE A 144 7.65 16.47 3.93
N TYR A 145 8.45 17.19 3.14
CA TYR A 145 8.34 17.13 1.68
C TYR A 145 9.70 17.49 1.10
N PRO A 146 10.14 16.75 0.06
CA PRO A 146 9.48 15.64 -0.64
C PRO A 146 9.45 14.33 0.16
N LYS A 147 8.86 13.31 -0.44
CA LYS A 147 8.54 12.08 0.29
C LYS A 147 9.75 11.22 0.63
N ASP A 148 10.85 11.41 -0.09
CA ASP A 148 12.02 10.59 0.15
C ASP A 148 12.68 10.94 1.47
N ILE A 149 13.00 9.91 2.24
CA ILE A 149 13.59 10.10 3.55
C ILE A 149 14.13 8.77 4.04
N ASN A 150 15.03 8.81 5.00
CA ASN A 150 15.50 7.59 5.62
C ASN A 150 15.78 7.82 7.10
N VAL A 151 15.55 6.79 7.89
CA VAL A 151 15.74 6.90 9.33
C VAL A 151 16.80 5.88 9.77
N LYS A 152 17.61 6.29 10.72
CA LYS A 152 18.66 5.43 11.26
C LYS A 152 18.52 5.37 12.76
N TRP A 153 18.65 4.18 13.32
CA TRP A 153 18.63 4.04 14.77
C TRP A 153 20.01 3.81 15.31
N LYS A 154 20.32 4.39 16.46
CA LYS A 154 21.56 4.10 17.14
C LYS A 154 21.28 3.72 18.59
N ILE A 155 21.91 2.64 19.02
CA ILE A 155 21.86 2.22 20.41
C ILE A 155 23.26 2.29 20.98
N ASP A 156 23.43 3.11 22.02
CA ASP A 156 24.74 3.36 22.61
C ASP A 156 25.74 3.78 21.52
N GLY A 157 25.25 4.53 20.54
CA GLY A 157 26.10 5.12 19.51
C GLY A 157 26.30 4.26 18.28
N SER A 158 25.90 3.00 18.40
CA SER A 158 26.08 2.00 17.34
C SER A 158 24.79 1.82 16.58
N GLU A 159 24.88 1.65 15.27
CA GLU A 159 23.68 1.51 14.46
C GLU A 159 22.96 0.21 14.77
N ARG A 160 21.65 0.23 14.56
CA ARG A 160 20.79 -0.90 14.87
C ARG A 160 19.72 -1.02 13.80
N GLN A 161 19.64 -2.17 13.13
CA GLN A 161 18.55 -2.39 12.16
C GLN A 161 17.58 -3.48 12.62
N ASN A 162 18.00 -4.48 13.37
CA ASN A 162 17.11 -5.55 13.81
C ASN A 162 15.99 -5.05 14.73
N GLY A 163 14.77 -5.52 14.50
CA GLY A 163 13.62 -5.12 15.29
C GLY A 163 13.01 -3.79 14.90
N VAL A 164 13.44 -3.23 13.77
CA VAL A 164 12.90 -1.95 13.31
C VAL A 164 11.80 -2.17 12.28
N LEU A 165 10.64 -1.58 12.53
CA LEU A 165 9.55 -1.58 11.56
C LEU A 165 9.16 -0.15 11.21
N ASN A 166 9.03 0.12 9.91
CA ASN A 166 8.65 1.44 9.44
C ASN A 166 7.29 1.46 8.76
N SER A 167 6.59 2.58 8.91
CA SER A 167 5.31 2.79 8.25
C SER A 167 5.26 4.18 7.64
N TRP A 168 4.74 4.28 6.42
CA TRP A 168 4.70 5.54 5.65
C TRP A 168 3.25 5.90 5.34
N THR A 169 2.86 7.12 5.61
CA THR A 169 1.55 7.59 5.20
C THR A 169 1.57 7.90 3.71
N ASP A 170 0.39 7.85 3.09
CA ASP A 170 0.18 8.40 1.77
C ASP A 170 0.23 9.93 1.85
N GLN A 171 0.36 10.60 0.71
CA GLN A 171 0.42 12.06 0.71
C GLN A 171 -0.84 12.64 1.37
N ASP A 172 -0.64 13.60 2.27
CA ASP A 172 -1.73 14.14 3.08
C ASP A 172 -2.68 14.95 2.20
N SER A 173 -3.98 14.70 2.34
CA SER A 173 -4.98 15.35 1.50
C SER A 173 -5.20 16.82 1.86
N LYS A 174 -4.62 17.27 2.96
CA LYS A 174 -4.80 18.66 3.41
C LYS A 174 -3.61 19.55 3.06
N ASP A 175 -2.40 19.11 3.38
CA ASP A 175 -1.23 19.95 3.17
C ASP A 175 -0.18 19.31 2.27
N SER A 176 -0.51 18.16 1.69
CA SER A 176 0.33 17.49 0.69
C SER A 176 1.70 17.06 1.22
N THR A 177 1.83 16.94 2.54
CA THR A 177 3.07 16.47 3.12
C THR A 177 3.03 14.94 3.29
N TYR A 178 4.16 14.41 3.77
CA TYR A 178 4.31 12.99 4.03
C TYR A 178 4.76 12.79 5.46
N SER A 179 4.46 11.62 6.02
CA SER A 179 4.94 11.29 7.36
C SER A 179 5.37 9.83 7.43
N MET A 180 6.16 9.52 8.42
CA MET A 180 6.66 8.16 8.55
C MET A 180 6.88 7.84 10.03
N SER A 181 6.58 6.64 10.46
CA SER A 181 6.93 6.23 11.81
C SER A 181 7.97 5.13 11.75
N SER A 182 8.86 5.12 12.74
CA SER A 182 9.85 4.05 12.87
C SER A 182 9.73 3.52 14.27
N THR A 183 9.60 2.20 14.40
CA THR A 183 9.43 1.60 15.70
C THR A 183 10.46 0.51 15.89
N LEU A 184 11.28 0.67 16.92
CA LEU A 184 12.31 -0.31 17.25
C LEU A 184 11.85 -1.11 18.47
N THR A 185 11.47 -2.36 18.24
CA THR A 185 10.95 -3.18 19.33
C THR A 185 12.03 -4.12 19.88
N LEU A 186 12.32 -3.95 21.16
CA LEU A 186 13.34 -4.74 21.83
C LEU A 186 12.73 -5.57 22.95
N THR A 187 13.45 -6.59 23.40
CA THR A 187 13.07 -7.27 24.63
C THR A 187 13.37 -6.34 25.79
N LYS A 188 12.70 -6.56 26.93
CA LYS A 188 13.00 -5.80 28.13
C LYS A 188 14.48 -5.96 28.49
N ASP A 189 15.01 -7.15 28.27
CA ASP A 189 16.42 -7.43 28.52
C ASP A 189 17.33 -6.54 27.71
N GLU A 190 17.08 -6.46 26.40
CA GLU A 190 17.92 -5.65 25.54
C GLU A 190 17.81 -4.17 25.90
N TYR A 191 16.58 -3.72 26.13
CA TYR A 191 16.36 -2.30 26.42
C TYR A 191 17.06 -1.86 27.70
N GLU A 192 17.03 -2.74 28.70
CA GLU A 192 17.52 -2.35 30.01
C GLU A 192 19.03 -2.50 30.21
N ARG A 193 19.75 -3.00 29.21
CA ARG A 193 21.21 -3.07 29.32
C ARG A 193 21.88 -2.19 28.26
N HIS A 194 21.09 -1.31 27.64
CA HIS A 194 21.62 -0.20 26.87
C HIS A 194 20.95 1.07 27.37
N ASN A 195 21.56 2.22 27.15
CA ASN A 195 21.02 3.44 27.72
C ASN A 195 20.73 4.57 26.73
N SER A 196 21.59 4.72 25.73
CA SER A 196 21.47 5.81 24.76
C SER A 196 20.68 5.38 23.53
N TYR A 197 19.53 6.00 23.30
CA TYR A 197 18.67 5.65 22.18
C TYR A 197 18.46 6.82 21.27
N THR A 198 18.83 6.67 20.00
CA THR A 198 18.82 7.77 19.03
C THR A 198 18.08 7.45 17.75
N CYS A 199 17.24 8.40 17.34
CA CYS A 199 16.59 8.38 16.03
C CYS A 199 17.21 9.46 15.14
N GLU A 200 17.71 9.06 13.97
CA GLU A 200 18.36 9.99 13.04
C GLU A 200 17.60 10.11 11.74
N ALA A 201 17.16 11.33 11.41
CA ALA A 201 16.42 11.54 10.17
C ALA A 201 17.24 12.27 9.11
N THR A 202 17.33 11.67 7.92
CA THR A 202 18.05 12.27 6.80
C THR A 202 17.08 12.65 5.69
N HIS A 203 17.13 13.92 5.29
CA HIS A 203 16.18 14.47 4.34
C HIS A 203 16.88 15.59 3.58
N LYS A 204 16.44 15.84 2.36
CA LYS A 204 17.17 16.76 1.49
C LYS A 204 17.12 18.21 1.97
N THR A 205 16.23 18.50 2.90
CA THR A 205 16.11 19.86 3.45
C THR A 205 17.30 20.26 4.34
N SER A 206 18.13 19.30 4.68
CA SER A 206 19.27 19.59 5.55
C SER A 206 20.49 18.75 5.19
N THR A 207 21.66 19.36 5.29
CA THR A 207 22.92 18.69 5.02
C THR A 207 23.25 17.71 6.13
N SER A 208 22.92 18.09 7.36
CA SER A 208 23.14 17.22 8.50
C SER A 208 21.81 16.58 8.92
N PRO A 209 21.88 15.35 9.44
CA PRO A 209 20.64 14.69 9.88
C PRO A 209 20.01 15.37 11.09
N ILE A 210 18.70 15.18 11.26
CA ILE A 210 18.01 15.63 12.46
C ILE A 210 18.11 14.53 13.50
N VAL A 211 18.71 14.85 14.63
CA VAL A 211 18.97 13.86 15.65
C VAL A 211 18.10 14.06 16.89
N LYS A 212 17.42 13.01 17.32
CA LYS A 212 16.64 13.02 18.55
C LYS A 212 17.07 11.85 19.40
N SER A 213 17.31 12.12 20.68
CA SER A 213 17.83 11.07 21.54
C SER A 213 17.24 11.15 22.94
N PHE A 214 17.28 10.03 23.64
CA PHE A 214 17.02 10.05 25.08
C PHE A 214 17.91 9.03 25.77
N ASN A 215 18.11 9.22 27.07
CA ASN A 215 18.80 8.23 27.87
C ASN A 215 17.79 7.49 28.74
N ARG A 216 17.79 6.17 28.62
CA ARG A 216 16.83 5.33 29.35
C ARG A 216 16.82 5.64 30.84
N ASN A 217 18.00 5.76 31.42
CA ASN A 217 18.11 5.87 32.86
C ASN A 217 17.50 7.17 33.40
N GLU A 218 17.37 8.17 32.54
CA GLU A 218 16.86 9.48 32.94
C GLU A 218 15.35 9.63 32.75
N VAL B 2 -21.97 -2.84 -17.67
CA VAL B 2 -20.55 -2.84 -17.34
C VAL B 2 -20.32 -3.05 -15.84
N HIS B 3 -20.53 -4.28 -15.37
CA HIS B 3 -20.51 -4.55 -13.93
C HIS B 3 -19.80 -5.85 -13.58
N LEU B 4 -18.75 -5.76 -12.77
CA LEU B 4 -18.03 -6.95 -12.31
C LEU B 4 -17.97 -6.95 -10.79
N VAL B 5 -18.47 -8.01 -10.18
CA VAL B 5 -18.53 -8.11 -8.72
C VAL B 5 -17.86 -9.39 -8.23
N GLU B 6 -16.67 -9.24 -7.65
CA GLU B 6 -15.95 -10.36 -7.04
C GLU B 6 -16.56 -10.72 -5.70
N SER B 7 -16.43 -11.98 -5.32
CA SER B 7 -16.81 -12.44 -3.99
C SER B 7 -16.01 -13.69 -3.64
N GLY B 8 -16.10 -14.10 -2.37
CA GLY B 8 -15.43 -15.31 -1.93
C GLY B 8 -14.25 -15.05 -1.01
N GLY B 9 -13.73 -13.82 -1.04
CA GLY B 9 -12.63 -13.45 -0.18
C GLY B 9 -13.00 -13.69 1.27
N ALA B 10 -11.98 -13.98 2.09
CA ALA B 10 -12.21 -14.30 3.49
C ALA B 10 -10.90 -14.46 4.24
N LEU B 11 -11.00 -14.70 5.55
CA LEU B 11 -9.83 -15.10 6.33
C LEU B 11 -9.67 -16.61 6.23
N VAL B 12 -8.46 -17.05 5.89
CA VAL B 12 -8.20 -18.48 5.68
C VAL B 12 -6.84 -18.83 6.28
N LYS B 13 -6.72 -20.02 6.84
CA LYS B 13 -5.46 -20.44 7.46
C LYS B 13 -4.41 -20.79 6.42
N PRO B 14 -3.12 -20.60 6.75
CA PRO B 14 -2.04 -21.11 5.91
C PRO B 14 -2.26 -22.59 5.61
N GLY B 15 -2.10 -22.99 4.36
CA GLY B 15 -2.35 -24.35 3.96
C GLY B 15 -3.76 -24.58 3.43
N GLY B 16 -4.64 -23.62 3.69
CA GLY B 16 -6.05 -23.77 3.36
C GLY B 16 -6.39 -23.47 1.91
N SER B 17 -7.66 -23.62 1.58
CA SER B 17 -8.14 -23.37 0.22
C SER B 17 -9.27 -22.35 0.19
N LEU B 18 -9.48 -21.76 -0.98
CA LEU B 18 -10.54 -20.77 -1.12
C LEU B 18 -10.99 -20.69 -2.57
N LYS B 19 -12.29 -20.54 -2.78
CA LYS B 19 -12.81 -20.38 -4.14
C LYS B 19 -13.41 -18.99 -4.32
N LEU B 20 -12.87 -18.22 -5.25
CA LEU B 20 -13.39 -16.88 -5.51
C LEU B 20 -14.36 -16.93 -6.69
N SER B 21 -15.32 -16.01 -6.67
CA SER B 21 -16.31 -15.91 -7.74
C SER B 21 -16.40 -14.50 -8.28
N CYS B 22 -16.82 -14.38 -9.53
CA CYS B 22 -16.98 -13.08 -10.18
C CYS B 22 -18.28 -13.08 -11.02
N ALA B 23 -19.27 -12.31 -10.54
CA ALA B 23 -20.56 -12.22 -11.20
C ALA B 23 -20.55 -11.03 -12.15
N ALA B 24 -20.89 -11.29 -13.41
CA ALA B 24 -20.82 -10.27 -14.44
C ALA B 24 -22.19 -9.90 -14.98
N SER B 25 -22.33 -8.67 -15.45
CA SER B 25 -23.54 -8.21 -16.10
C SER B 25 -23.26 -6.98 -16.96
N GLY B 26 -24.12 -6.71 -17.92
CA GLY B 26 -23.98 -5.53 -18.75
C GLY B 26 -23.23 -5.77 -20.04
N PHE B 27 -22.98 -7.05 -20.36
CA PHE B 27 -22.29 -7.41 -21.59
C PHE B 27 -22.46 -8.89 -21.90
N SER B 28 -22.16 -9.27 -23.14
CA SER B 28 -22.20 -10.66 -23.57
C SER B 28 -21.08 -11.47 -22.91
N PHE B 29 -21.42 -12.16 -21.83
CA PHE B 29 -20.44 -12.84 -21.01
C PHE B 29 -19.59 -13.83 -21.80
N SER B 30 -20.25 -14.66 -22.61
CA SER B 30 -19.57 -15.76 -23.30
C SER B 30 -18.71 -15.32 -24.47
N LYS B 31 -18.64 -14.01 -24.71
CA LYS B 31 -17.86 -13.47 -25.82
C LYS B 31 -16.42 -13.17 -25.43
N TYR B 32 -16.19 -12.90 -24.14
CA TYR B 32 -14.90 -12.37 -23.69
C TYR B 32 -14.05 -13.34 -22.89
N GLY B 33 -12.75 -13.36 -23.21
CA GLY B 33 -11.78 -13.96 -22.30
C GLY B 33 -11.73 -13.15 -21.02
N MET B 34 -11.30 -13.77 -19.92
CA MET B 34 -11.34 -13.11 -18.62
C MET B 34 -10.08 -13.42 -17.80
N SER B 35 -9.78 -12.57 -16.82
CA SER B 35 -8.57 -12.76 -16.00
C SER B 35 -8.75 -12.49 -14.51
N TRP B 36 -7.84 -13.04 -13.72
CA TRP B 36 -7.68 -12.67 -12.31
C TRP B 36 -6.33 -11.99 -12.12
N VAL B 37 -6.35 -10.84 -11.45
CA VAL B 37 -5.14 -10.11 -11.12
C VAL B 37 -5.21 -9.80 -9.63
N ARG B 38 -4.09 -9.89 -8.91
CA ARG B 38 -4.13 -9.57 -7.49
C ARG B 38 -3.19 -8.43 -7.12
N GLN B 39 -3.57 -7.68 -6.10
CA GLN B 39 -2.78 -6.59 -5.58
C GLN B 39 -2.35 -6.89 -4.15
N THR B 40 -1.04 -7.05 -3.96
CA THR B 40 -0.47 -7.31 -2.65
C THR B 40 -0.43 -6.03 -1.80
N PRO B 41 -0.17 -6.14 -0.49
CA PRO B 41 -0.16 -4.94 0.36
C PRO B 41 0.83 -3.86 -0.06
N ASP B 42 1.88 -4.24 -0.79
CA ASP B 42 2.87 -3.28 -1.28
C ASP B 42 2.38 -2.60 -2.58
N LYS B 43 1.13 -2.87 -2.94
CA LYS B 43 0.43 -2.28 -4.09
C LYS B 43 0.95 -2.76 -5.45
N ARG B 44 1.77 -3.81 -5.47
CA ARG B 44 2.20 -4.39 -6.73
C ARG B 44 1.07 -5.20 -7.36
N LEU B 45 1.00 -5.20 -8.68
CA LEU B 45 -0.01 -5.98 -9.40
C LEU B 45 0.59 -7.24 -10.00
N GLU B 46 -0.08 -8.37 -9.78
CA GLU B 46 0.38 -9.63 -10.33
C GLU B 46 -0.73 -10.36 -11.08
N TRP B 47 -0.48 -10.63 -12.36
CA TRP B 47 -1.41 -11.43 -13.15
C TRP B 47 -1.42 -12.87 -12.62
N VAL B 48 -2.62 -13.39 -12.36
CA VAL B 48 -2.81 -14.68 -11.69
C VAL B 48 -3.31 -15.79 -12.62
N ALA B 49 -4.23 -15.46 -13.52
CA ALA B 49 -4.81 -16.44 -14.42
C ALA B 49 -5.64 -15.78 -15.51
N THR B 50 -5.74 -16.44 -16.67
CA THR B 50 -6.59 -15.97 -17.76
C THR B 50 -7.28 -17.17 -18.39
N ILE B 51 -8.53 -16.99 -18.80
CA ILE B 51 -9.32 -18.05 -19.42
C ILE B 51 -9.99 -17.52 -20.70
N SER B 52 -10.04 -18.36 -21.73
CA SER B 52 -10.70 -18.00 -22.99
C SER B 52 -12.22 -17.94 -22.79
N SER B 53 -12.90 -17.36 -23.77
CA SER B 53 -14.33 -17.08 -23.67
C SER B 53 -15.17 -18.33 -23.38
N SER B 54 -14.82 -19.45 -24.01
CA SER B 54 -15.58 -20.67 -23.84
C SER B 54 -15.14 -21.48 -22.62
N GLY B 55 -13.97 -21.15 -22.09
CA GLY B 55 -13.40 -21.92 -21.00
C GLY B 55 -12.45 -23.00 -21.49
N SER B 56 -12.27 -23.06 -22.81
CA SER B 56 -11.43 -24.07 -23.47
C SER B 56 -9.95 -23.96 -23.11
N ARG B 57 -9.47 -22.73 -23.00
CA ARG B 57 -8.05 -22.47 -22.82
C ARG B 57 -7.79 -21.72 -21.51
N THR B 58 -6.79 -22.18 -20.75
CA THR B 58 -6.43 -21.56 -19.50
C THR B 58 -4.93 -21.25 -19.45
N TYR B 59 -4.59 -20.14 -18.79
CA TYR B 59 -3.22 -19.64 -18.75
C TYR B 59 -2.83 -19.19 -17.35
N TYR B 60 -1.63 -19.56 -16.94
CA TYR B 60 -1.14 -19.24 -15.60
C TYR B 60 0.34 -18.88 -15.62
N PRO B 61 0.75 -18.00 -14.69
CA PRO B 61 2.19 -17.80 -14.49
C PRO B 61 2.78 -18.97 -13.72
N ASP B 62 4.08 -19.21 -13.86
CA ASP B 62 4.75 -20.31 -13.20
C ASP B 62 4.43 -20.39 -11.69
N SER B 63 4.29 -19.23 -11.06
CA SER B 63 4.15 -19.17 -9.60
C SER B 63 2.88 -19.81 -9.06
N VAL B 64 1.86 -19.95 -9.90
CA VAL B 64 0.58 -20.51 -9.45
C VAL B 64 0.10 -21.68 -10.29
N LYS B 65 0.82 -22.00 -11.36
CA LYS B 65 0.55 -23.19 -12.18
C LYS B 65 0.39 -24.45 -11.33
N GLY B 66 -0.71 -25.17 -11.54
CA GLY B 66 -0.95 -26.41 -10.82
C GLY B 66 -1.44 -26.20 -9.40
N GLN B 67 -1.53 -24.94 -8.98
CA GLN B 67 -1.95 -24.63 -7.63
C GLN B 67 -3.27 -23.86 -7.65
N PHE B 68 -3.41 -23.00 -8.65
CA PHE B 68 -4.65 -22.26 -8.89
C PHE B 68 -5.36 -22.83 -10.12
N THR B 69 -6.69 -22.74 -10.12
CA THR B 69 -7.47 -23.16 -11.28
C THR B 69 -8.53 -22.12 -11.62
N ILE B 70 -8.46 -21.58 -12.83
CA ILE B 70 -9.49 -20.64 -13.30
C ILE B 70 -10.55 -21.44 -14.06
N SER B 71 -11.81 -21.10 -13.82
CA SER B 71 -12.90 -21.69 -14.58
C SER B 71 -14.05 -20.72 -14.72
N ARG B 72 -15.05 -21.07 -15.53
CA ARG B 72 -16.19 -20.19 -15.74
C ARG B 72 -17.46 -20.96 -16.05
N ASP B 73 -18.59 -20.33 -15.74
CA ASP B 73 -19.91 -20.89 -16.04
C ASP B 73 -20.67 -19.86 -16.84
N ASN B 74 -20.69 -20.00 -18.16
CA ASN B 74 -21.26 -18.97 -19.01
C ASN B 74 -22.78 -18.89 -18.87
N ALA B 75 -23.39 -20.00 -18.47
CA ALA B 75 -24.84 -20.03 -18.24
C ALA B 75 -25.22 -19.18 -17.03
N LYS B 76 -24.29 -19.02 -16.08
CA LYS B 76 -24.57 -18.25 -14.87
C LYS B 76 -23.78 -16.93 -14.84
N ASN B 77 -23.15 -16.59 -15.97
CA ASN B 77 -22.33 -15.39 -16.08
C ASN B 77 -21.35 -15.23 -14.92
N THR B 78 -20.66 -16.30 -14.58
CA THR B 78 -19.78 -16.30 -13.43
C THR B 78 -18.39 -16.87 -13.73
N LEU B 79 -17.37 -16.17 -13.22
CA LEU B 79 -15.96 -16.57 -13.35
C LEU B 79 -15.49 -17.10 -11.99
N TYR B 80 -14.66 -18.13 -11.99
CA TYR B 80 -14.17 -18.71 -10.73
C TYR B 80 -12.64 -18.74 -10.62
N LEU B 81 -12.14 -18.68 -9.39
CA LEU B 81 -10.73 -18.97 -9.12
C LEU B 81 -10.62 -19.88 -7.92
N GLN B 82 -10.11 -21.10 -8.14
CA GLN B 82 -9.86 -22.03 -7.04
C GLN B 82 -8.41 -21.91 -6.61
N MET B 83 -8.20 -21.70 -5.33
CA MET B 83 -6.83 -21.58 -4.81
C MET B 83 -6.62 -22.63 -3.72
N SER B 84 -5.45 -23.24 -3.73
CA SER B 84 -5.10 -24.25 -2.73
C SER B 84 -3.73 -23.96 -2.14
N SER B 85 -3.42 -24.62 -1.02
N SER B 85 -3.40 -24.62 -1.01
CA SER B 85 -2.10 -24.54 -0.34
CA SER B 85 -2.08 -24.49 -0.34
C SER B 85 -1.62 -23.08 -0.21
C SER B 85 -1.62 -23.04 -0.21
N LEU B 86 -2.53 -22.24 0.23
CA LEU B 86 -2.39 -20.77 0.38
C LEU B 86 -1.34 -20.45 1.45
N LYS B 87 -0.53 -19.43 1.20
CA LYS B 87 0.46 -19.00 2.17
C LYS B 87 0.26 -17.53 2.46
N SER B 88 0.97 -17.02 3.48
CA SER B 88 0.79 -15.64 3.90
C SER B 88 0.97 -14.67 2.73
N GLU B 89 1.86 -15.01 1.80
CA GLU B 89 2.14 -14.15 0.65
C GLU B 89 0.97 -14.05 -0.32
N ASP B 90 -0.05 -14.88 -0.13
CA ASP B 90 -1.23 -14.84 -0.99
C ASP B 90 -2.28 -13.85 -0.49
N THR B 91 -2.00 -13.23 0.66
CA THR B 91 -2.82 -12.15 1.18
C THR B 91 -2.82 -10.98 0.17
N ALA B 92 -3.99 -10.69 -0.39
CA ALA B 92 -4.08 -9.68 -1.45
C ALA B 92 -5.53 -9.35 -1.77
N MET B 93 -5.72 -8.28 -2.54
CA MET B 93 -7.01 -8.01 -3.14
C MET B 93 -7.06 -8.69 -4.50
N TYR B 94 -8.14 -9.42 -4.76
CA TYR B 94 -8.24 -10.17 -6.00
C TYR B 94 -9.31 -9.57 -6.93
N TYR B 95 -8.87 -9.19 -8.14
CA TYR B 95 -9.70 -8.52 -9.13
C TYR B 95 -9.98 -9.39 -10.34
N CYS B 96 -11.24 -9.48 -10.75
CA CYS B 96 -11.56 -10.10 -12.03
C CYS B 96 -11.72 -9.03 -13.11
N SER B 97 -11.54 -9.45 -14.35
CA SER B 97 -11.61 -8.53 -15.48
C SER B 97 -12.00 -9.26 -16.75
N ILE B 98 -12.45 -8.49 -17.74
CA ILE B 98 -12.62 -9.01 -19.08
C ILE B 98 -11.54 -8.45 -20.00
N SER B 99 -11.24 -9.19 -21.06
CA SER B 99 -10.25 -8.74 -22.06
C SER B 99 -10.93 -8.45 -23.38
N TRP B 100 -10.56 -7.35 -24.01
CA TRP B 100 -10.90 -7.16 -25.42
C TRP B 100 -9.82 -6.36 -26.13
N ASP B 101 -9.86 -5.04 -26.00
CA ASP B 101 -8.82 -4.19 -26.59
C ASP B 101 -7.48 -4.39 -25.88
N GLY B 102 -7.54 -4.55 -24.56
CA GLY B 102 -6.35 -4.78 -23.75
C GLY B 102 -6.43 -6.08 -22.98
N ALA B 103 -5.50 -6.29 -22.05
CA ALA B 103 -5.52 -7.51 -21.26
C ALA B 103 -6.66 -7.47 -20.23
N MET B 104 -6.90 -6.30 -19.65
CA MET B 104 -7.95 -6.14 -18.66
C MET B 104 -8.72 -4.84 -18.89
N ASP B 105 -9.69 -4.89 -19.80
CA ASP B 105 -10.45 -3.71 -20.21
C ASP B 105 -11.23 -3.09 -19.07
N TYR B 106 -11.88 -3.95 -18.29
CA TYR B 106 -12.72 -3.52 -17.18
C TYR B 106 -12.47 -4.40 -15.99
N TRP B 107 -12.39 -3.77 -14.83
CA TRP B 107 -12.06 -4.46 -13.59
C TRP B 107 -13.25 -4.39 -12.64
N GLY B 108 -13.35 -5.38 -11.75
CA GLY B 108 -14.33 -5.31 -10.67
C GLY B 108 -13.77 -4.53 -9.51
N GLN B 109 -14.48 -4.48 -8.38
CA GLN B 109 -14.07 -3.71 -7.17
C GLN B 109 -13.10 -4.54 -6.34
N GLY B 110 -13.06 -5.85 -6.56
CA GLY B 110 -12.11 -6.74 -5.91
C GLY B 110 -12.69 -7.45 -4.71
N THR B 111 -12.10 -8.58 -4.35
CA THR B 111 -12.42 -9.25 -3.10
C THR B 111 -11.14 -9.53 -2.30
N SER B 112 -11.21 -9.31 -0.98
CA SER B 112 -10.04 -9.34 -0.11
C SER B 112 -9.81 -10.71 0.52
N VAL B 113 -8.59 -11.21 0.37
CA VAL B 113 -8.17 -12.47 0.96
C VAL B 113 -7.09 -12.24 2.00
N THR B 114 -7.32 -12.75 3.21
CA THR B 114 -6.30 -12.71 4.25
C THR B 114 -5.92 -14.13 4.62
N VAL B 115 -4.65 -14.47 4.47
CA VAL B 115 -4.15 -15.79 4.85
C VAL B 115 -3.37 -15.67 6.16
N SER B 116 -3.91 -16.25 7.23
CA SER B 116 -3.29 -16.11 8.54
C SER B 116 -3.87 -17.11 9.54
N SER B 117 -3.06 -17.53 10.50
CA SER B 117 -3.53 -18.45 11.55
C SER B 117 -3.78 -17.72 12.86
N ALA B 118 -3.70 -16.40 12.83
CA ALA B 118 -3.90 -15.58 14.02
C ALA B 118 -5.33 -15.67 14.52
N LYS B 119 -5.49 -15.56 15.85
CA LYS B 119 -6.81 -15.50 16.45
C LYS B 119 -7.09 -14.09 16.94
N THR B 120 -8.37 -13.80 17.21
CA THR B 120 -8.78 -12.48 17.68
C THR B 120 -8.00 -12.10 18.92
N THR B 121 -7.40 -10.92 18.87
CA THR B 121 -6.44 -10.47 19.85
C THR B 121 -6.56 -8.97 20.00
N PRO B 122 -6.84 -8.50 21.23
CA PRO B 122 -6.97 -7.06 21.45
C PRO B 122 -5.61 -6.39 21.39
N PRO B 123 -5.58 -5.09 21.04
CA PRO B 123 -4.29 -4.41 21.09
C PRO B 123 -3.90 -4.06 22.53
N SER B 124 -2.61 -3.88 22.72
CA SER B 124 -2.11 -3.19 23.89
C SER B 124 -1.90 -1.73 23.50
N VAL B 125 -2.46 -0.82 24.28
CA VAL B 125 -2.39 0.60 23.98
C VAL B 125 -1.42 1.30 24.91
N TYR B 126 -0.40 1.92 24.34
CA TYR B 126 0.66 2.56 25.12
C TYR B 126 0.79 4.03 24.74
N PRO B 127 0.99 4.90 25.74
CA PRO B 127 1.13 6.34 25.48
C PRO B 127 2.49 6.69 24.91
N LEU B 128 2.54 7.60 23.95
CA LEU B 128 3.81 8.11 23.46
C LEU B 128 4.01 9.56 23.90
N ALA B 129 4.80 9.73 24.96
CA ALA B 129 5.17 11.04 25.45
C ALA B 129 6.60 11.34 25.02
N PRO B 130 6.85 12.59 24.58
CA PRO B 130 8.13 12.90 23.92
C PRO B 130 9.32 12.85 24.88
N GLY B 131 10.44 12.30 24.40
CA GLY B 131 11.68 12.34 25.15
C GLY B 131 12.46 13.60 24.77
N SER B 132 11.78 14.73 24.83
CA SER B 132 12.35 16.00 24.40
C SER B 132 13.24 16.64 25.47
N SER B 138 7.08 25.79 19.63
CA SER B 138 5.84 26.25 19.01
C SER B 138 4.76 25.17 19.06
N MET B 139 5.13 23.97 18.65
CA MET B 139 4.19 22.84 18.67
C MET B 139 4.75 21.69 19.49
N VAL B 140 3.89 20.74 19.83
CA VAL B 140 4.34 19.54 20.51
C VAL B 140 3.59 18.34 19.92
N THR B 141 4.29 17.23 19.76
CA THR B 141 3.72 16.04 19.14
C THR B 141 3.60 14.91 20.16
N LEU B 142 2.39 14.38 20.29
CA LEU B 142 2.14 13.26 21.17
C LEU B 142 1.73 12.06 20.34
N GLY B 143 1.67 10.89 20.97
CA GLY B 143 1.31 9.72 20.21
C GLY B 143 0.71 8.61 21.03
N CYS B 144 0.17 7.63 20.33
CA CYS B 144 -0.35 6.43 20.96
CA CYS B 144 -0.42 6.44 20.93
C CYS B 144 0.03 5.21 20.15
N LEU B 145 0.59 4.22 20.85
CA LEU B 145 1.03 2.99 20.22
C LEU B 145 -0.03 1.93 20.44
N VAL B 146 -0.48 1.34 19.33
CA VAL B 146 -1.52 0.33 19.34
C VAL B 146 -0.92 -0.97 18.86
N LYS B 147 -0.56 -1.86 19.80
CA LYS B 147 0.33 -2.97 19.47
C LYS B 147 -0.25 -4.37 19.64
N GLY B 148 -0.02 -5.22 18.64
CA GLY B 148 -0.35 -6.63 18.71
C GLY B 148 -1.83 -6.99 18.63
N TYR B 149 -2.54 -6.48 17.63
CA TYR B 149 -3.95 -6.79 17.48
C TYR B 149 -4.27 -7.58 16.20
N PHE B 150 -5.42 -8.25 16.19
CA PHE B 150 -5.91 -8.99 15.03
C PHE B 150 -7.38 -9.28 15.24
N PRO B 151 -8.19 -9.18 14.19
CA PRO B 151 -7.88 -8.75 12.82
C PRO B 151 -7.93 -7.23 12.69
N GLU B 152 -7.64 -6.73 11.49
CA GLU B 152 -7.84 -5.31 11.22
C GLU B 152 -9.34 -5.01 11.19
N PRO B 153 -9.72 -3.73 11.40
CA PRO B 153 -8.89 -2.55 11.68
C PRO B 153 -9.03 -2.04 13.09
N VAL B 154 -8.24 -1.02 13.44
CA VAL B 154 -8.46 -0.22 14.64
C VAL B 154 -8.77 1.21 14.23
N THR B 155 -9.39 1.96 15.12
CA THR B 155 -9.63 3.38 14.90
C THR B 155 -9.07 4.16 16.09
N VAL B 156 -8.42 5.30 15.82
CA VAL B 156 -7.90 6.12 16.90
C VAL B 156 -8.36 7.56 16.74
N THR B 157 -8.92 8.11 17.80
CA THR B 157 -9.24 9.53 17.84
C THR B 157 -8.54 10.17 19.02
N TRP B 158 -8.59 11.49 19.07
CA TRP B 158 -7.94 12.24 20.13
C TRP B 158 -8.94 13.19 20.78
N ASN B 159 -9.00 13.16 22.11
CA ASN B 159 -9.98 13.91 22.88
C ASN B 159 -11.39 13.71 22.34
N SER B 160 -11.73 12.45 22.07
CA SER B 160 -13.06 12.06 21.59
C SER B 160 -13.43 12.75 20.27
N GLY B 161 -12.43 13.17 19.52
CA GLY B 161 -12.65 13.80 18.23
C GLY B 161 -12.55 15.32 18.25
N SER B 162 -12.28 15.89 19.42
CA SER B 162 -12.14 17.33 19.56
C SER B 162 -10.85 17.84 18.91
N LEU B 163 -9.90 16.94 18.73
CA LEU B 163 -8.66 17.25 18.05
C LEU B 163 -8.63 16.58 16.68
N SER B 164 -8.89 17.35 15.63
CA SER B 164 -8.95 16.81 14.28
C SER B 164 -7.75 17.27 13.45
N SER B 165 -7.38 18.54 13.60
CA SER B 165 -6.22 19.07 12.90
C SER B 165 -4.93 18.47 13.47
N GLY B 166 -3.94 18.30 12.62
CA GLY B 166 -2.64 17.81 13.05
C GLY B 166 -2.68 16.39 13.57
N VAL B 167 -3.65 15.63 13.09
CA VAL B 167 -3.80 14.22 13.47
C VAL B 167 -3.61 13.33 12.25
N HIS B 168 -2.75 12.32 12.39
CA HIS B 168 -2.71 11.25 11.40
C HIS B 168 -2.35 9.94 12.05
N THR B 169 -2.80 8.86 11.42
CA THR B 169 -2.58 7.52 11.93
C THR B 169 -1.85 6.72 10.88
N PHE B 170 -0.69 6.19 11.25
CA PHE B 170 0.14 5.48 10.29
C PHE B 170 -0.52 4.15 9.94
N PRO B 171 -0.33 3.69 8.70
CA PRO B 171 -0.83 2.38 8.28
C PRO B 171 -0.29 1.27 9.16
N ALA B 172 -1.13 0.28 9.44
CA ALA B 172 -0.69 -0.85 10.26
C ALA B 172 0.38 -1.65 9.54
N VAL B 173 1.30 -2.22 10.32
CA VAL B 173 2.27 -3.15 9.76
C VAL B 173 2.18 -4.46 10.51
N LEU B 174 2.55 -5.54 9.82
CA LEU B 174 2.51 -6.87 10.39
C LEU B 174 3.75 -7.07 11.25
N GLN B 175 3.60 -7.24 12.56
CA GLN B 175 4.72 -7.58 13.47
C GLN B 175 4.40 -8.99 13.97
N SER B 176 5.21 -10.00 13.60
CA SER B 176 4.93 -11.43 13.66
C SER B 176 3.76 -11.71 12.72
N ASP B 177 2.63 -12.14 13.28
CA ASP B 177 1.40 -12.22 12.50
C ASP B 177 0.32 -11.39 13.19
N LEU B 178 0.75 -10.37 13.92
CA LEU B 178 -0.17 -9.40 14.53
C LEU B 178 0.08 -8.03 13.94
N TYR B 179 -0.91 -7.16 14.03
CA TYR B 179 -0.78 -5.82 13.48
C TYR B 179 -0.39 -4.80 14.54
N THR B 180 0.31 -3.76 14.12
CA THR B 180 0.69 -2.68 15.01
C THR B 180 0.67 -1.38 14.24
N LEU B 181 0.15 -0.33 14.88
CA LEU B 181 0.29 1.01 14.34
C LEU B 181 0.44 2.02 15.46
N SER B 182 0.75 3.25 15.06
CA SER B 182 0.75 4.39 15.97
C SER B 182 -0.09 5.52 15.41
N SER B 183 -0.61 6.34 16.30
CA SER B 183 -1.31 7.56 15.91
C SER B 183 -0.57 8.78 16.47
N SER B 184 -0.54 9.85 15.68
CA SER B 184 0.21 11.05 16.02
C SER B 184 -0.74 12.25 16.16
N VAL B 185 -0.51 13.09 17.15
CA VAL B 185 -1.28 14.33 17.26
C VAL B 185 -0.35 15.50 17.57
N THR B 186 -0.53 16.59 16.84
CA THR B 186 0.28 17.78 17.05
C THR B 186 -0.61 18.94 17.49
N VAL B 187 -0.26 19.54 18.62
CA VAL B 187 -1.03 20.64 19.19
C VAL B 187 -0.10 21.79 19.58
N PRO B 188 -0.65 23.02 19.71
CA PRO B 188 0.15 24.13 20.22
C PRO B 188 0.79 23.79 21.56
N SER B 189 1.98 24.34 21.82
CA SER B 189 2.73 24.03 23.03
C SER B 189 2.02 24.49 24.29
N SER B 190 1.10 25.44 24.16
CA SER B 190 0.36 25.97 25.29
C SER B 190 -0.89 25.13 25.58
N THR B 191 -1.15 24.16 24.72
CA THR B 191 -2.31 23.28 24.88
C THR B 191 -1.99 22.11 25.79
N TRP B 192 -0.77 21.60 25.68
CA TRP B 192 -0.32 20.45 26.46
C TRP B 192 1.05 20.76 27.07
N PRO B 193 1.26 20.35 28.33
CA PRO B 193 0.36 19.56 29.17
C PRO B 193 -0.64 20.38 29.99
N SER B 194 -0.85 21.65 29.64
CA SER B 194 -1.77 22.50 30.39
C SER B 194 -3.19 21.93 30.32
N GLU B 195 -3.59 21.44 29.15
CA GLU B 195 -4.85 20.72 29.01
C GLU B 195 -4.58 19.24 28.74
N THR B 196 -5.57 18.41 29.01
CA THR B 196 -5.39 16.97 28.87
C THR B 196 -5.49 16.54 27.41
N VAL B 197 -4.66 15.58 27.02
CA VAL B 197 -4.71 14.99 25.69
C VAL B 197 -4.77 13.47 25.83
N THR B 198 -5.81 12.87 25.27
CA THR B 198 -6.05 11.44 25.41
C THR B 198 -6.35 10.83 24.05
N CYS B 199 -5.75 9.68 23.75
CA CYS B 199 -6.14 8.96 22.54
C CYS B 199 -7.27 7.97 22.86
N ASN B 200 -8.20 7.84 21.93
CA ASN B 200 -9.29 6.90 22.09
C ASN B 200 -9.13 5.78 21.06
N VAL B 201 -8.87 4.58 21.55
CA VAL B 201 -8.63 3.45 20.68
C VAL B 201 -9.79 2.48 20.68
N ALA B 202 -10.20 2.07 19.49
CA ALA B 202 -11.25 1.07 19.33
C ALA B 202 -10.76 -0.06 18.45
N HIS B 203 -10.99 -1.28 18.91
CA HIS B 203 -10.74 -2.48 18.11
C HIS B 203 -12.02 -3.32 18.14
N PRO B 204 -12.94 -3.03 17.21
CA PRO B 204 -14.29 -3.63 17.21
C PRO B 204 -14.32 -5.15 17.34
N ALA B 205 -13.41 -5.83 16.64
CA ALA B 205 -13.43 -7.29 16.58
C ALA B 205 -13.30 -7.93 17.96
N SER B 206 -12.58 -7.26 18.85
CA SER B 206 -12.33 -7.78 20.18
C SER B 206 -13.09 -7.03 21.26
N SER B 207 -14.05 -6.19 20.86
CA SER B 207 -14.88 -5.44 21.80
C SER B 207 -14.04 -4.49 22.66
N THR B 208 -12.94 -4.01 22.11
CA THR B 208 -12.02 -3.15 22.85
C THR B 208 -12.29 -1.68 22.61
N LYS B 209 -12.43 -0.95 23.71
CA LYS B 209 -12.41 0.51 23.70
C LYS B 209 -11.52 0.99 24.85
N VAL B 210 -10.43 1.64 24.50
CA VAL B 210 -9.42 2.08 25.46
C VAL B 210 -9.14 3.58 25.36
N ASP B 211 -9.07 4.25 26.51
CA ASP B 211 -8.58 5.62 26.58
C ASP B 211 -7.23 5.65 27.26
N LYS B 212 -6.28 6.36 26.66
CA LYS B 212 -4.97 6.51 27.26
C LYS B 212 -4.55 7.98 27.31
N LYS B 213 -4.41 8.51 28.52
CA LYS B 213 -3.96 9.87 28.72
C LYS B 213 -2.45 9.96 28.57
N ILE B 214 -1.97 11.01 27.90
CA ILE B 214 -0.54 11.17 27.69
C ILE B 214 0.07 12.02 28.82
N VAL B 215 1.08 11.46 29.48
CA VAL B 215 1.69 12.12 30.63
C VAL B 215 3.16 12.43 30.36
N PRO B 216 3.60 13.65 30.68
CA PRO B 216 4.98 14.09 30.45
C PRO B 216 6.03 13.13 31.02
N ARG B 217 7.16 12.99 30.33
CA ARG B 217 8.29 12.12 30.77
C ARG B 217 9.36 12.91 31.55
N ASP B 218 10.11 12.22 32.40
CA ASP B 218 11.15 12.80 33.23
C ASP B 218 12.20 13.53 32.41
N ALA C 1 -11.86 -11.50 -32.75
CA ALA C 1 -11.79 -12.29 -31.53
C ALA C 1 -11.05 -11.54 -30.43
N GLY C 2 -10.74 -10.27 -30.69
CA GLY C 2 -10.10 -9.45 -29.69
C GLY C 2 -8.59 -9.46 -29.79
N THR C 3 -7.98 -8.49 -29.11
CA THR C 3 -6.54 -8.28 -29.17
C THR C 3 -5.73 -9.53 -28.87
N TYR C 4 -6.11 -10.26 -27.82
CA TYR C 4 -5.35 -11.44 -27.44
C TYR C 4 -5.93 -12.76 -27.94
N GLY C 5 -6.92 -12.67 -28.83
CA GLY C 5 -7.51 -13.83 -29.44
C GLY C 5 -8.14 -14.78 -28.45
N LEU C 6 -8.69 -14.23 -27.37
CA LEU C 6 -9.28 -15.07 -26.32
C LEU C 6 -10.74 -15.41 -26.62
N GLY C 7 -11.31 -14.76 -27.63
CA GLY C 7 -12.65 -15.08 -28.06
C GLY C 7 -12.66 -16.32 -28.94
N ASP C 8 -13.16 -17.42 -28.40
CA ASP C 8 -13.16 -18.70 -29.12
C ASP C 8 -14.17 -18.72 -30.25
#